data_6JKI
#
_entry.id   6JKI
#
_cell.length_a   85.670
_cell.length_b   85.670
_cell.length_c   147.600
_cell.angle_alpha   90.00
_cell.angle_beta   90.00
_cell.angle_gamma   120.00
#
_symmetry.space_group_name_H-M   'P 32 2 1'
#
loop_
_entity.id
_entity.type
_entity.pdbx_description
1 polymer 'tRNA (guanine-N(1)-)-methyltransferase'
2 non-polymer SINEFUNGIN
3 non-polymer GLYCEROL
4 non-polymer 'MANGANESE (II) ION'
5 non-polymer 'SODIUM ION'
6 non-polymer DI(HYDROXYETHYL)ETHER
7 water water
#
_entity_poly.entity_id   1
_entity_poly.type   'polypeptide(L)'
_entity_poly.pdbx_seq_one_letter_code
;SMLWVGVVSIFPEMFRAISDYGITSRAVKQGLLTLTCWNPRVYTEDRHQTVDDRPFGGGPGMVMKIKPLEGALADARQAA
GGRKAKVIYLSPQGRQLTQAGVRELAEEEALILIAGRYEGIDERFIEEHVDEEWSIGDYVLSGGELPAMVLVDAVTRLLP
GALGHADSAEEDSFTDGLLDCPHYTRPEVYADKRVPEVLLSGNHEHIRRWRLQQALGRTWERRADLLDSRSLSGEEQKLL
AEYIRQRDDS
;
_entity_poly.pdbx_strand_id   A,B
#
# COMPACT_ATOMS: atom_id res chain seq x y z
N SER A 1 -13.78 20.83 9.72
CA SER A 1 -12.75 20.27 8.84
C SER A 1 -13.29 19.86 7.50
N MET A 2 -12.48 19.95 6.45
CA MET A 2 -12.84 19.59 5.08
C MET A 2 -13.18 18.07 4.99
N LEU A 3 -12.33 17.22 5.62
CA LEU A 3 -12.52 15.78 5.69
C LEU A 3 -12.33 15.26 7.12
N TRP A 4 -13.34 14.55 7.63
CA TRP A 4 -13.34 13.86 8.92
C TRP A 4 -13.07 12.38 8.58
N VAL A 5 -12.13 11.74 9.30
CA VAL A 5 -11.76 10.33 9.12
C VAL A 5 -11.79 9.66 10.49
N GLY A 6 -12.55 8.58 10.57
CA GLY A 6 -12.65 7.76 11.77
C GLY A 6 -12.09 6.40 11.43
N VAL A 7 -11.16 5.89 12.25
CA VAL A 7 -10.51 4.60 12.00
C VAL A 7 -10.87 3.62 13.08
N VAL A 8 -11.31 2.41 12.69
CA VAL A 8 -11.68 1.34 13.62
C VAL A 8 -10.54 0.34 13.57
N SER A 9 -9.67 0.37 14.60
CA SER A 9 -8.47 -0.42 14.67
C SER A 9 -8.12 -0.84 16.08
N ILE A 10 -7.51 -2.06 16.27
CA ILE A 10 -7.09 -2.56 17.58
C ILE A 10 -5.74 -1.97 18.01
N PHE A 11 -5.04 -1.29 17.07
CA PHE A 11 -3.75 -0.64 17.26
C PHE A 11 -3.85 0.82 16.86
N PRO A 12 -4.57 1.68 17.64
CA PRO A 12 -4.69 3.10 17.25
C PRO A 12 -3.35 3.84 17.26
N GLU A 13 -2.31 3.27 17.95
CA GLU A 13 -0.95 3.85 18.15
C GLU A 13 -0.12 3.83 16.89
N MET A 14 -0.50 2.94 15.98
CA MET A 14 0.16 2.76 14.71
C MET A 14 -0.06 3.96 13.83
N PHE A 15 -1.17 4.67 14.04
CA PHE A 15 -1.65 5.83 13.27
C PHE A 15 -0.92 7.11 13.59
N ARG A 16 0.13 7.00 14.41
CA ARG A 16 1.01 8.11 14.75
C ARG A 16 1.88 8.38 13.50
N ALA A 17 2.12 7.35 12.66
CA ALA A 17 2.89 7.44 11.40
C ALA A 17 2.31 8.49 10.46
N ILE A 18 0.97 8.69 10.48
CA ILE A 18 0.25 9.71 9.69
C ILE A 18 -0.18 10.93 10.55
N SER A 19 -0.40 10.79 11.85
CA SER A 19 -0.86 11.94 12.62
C SER A 19 0.29 12.86 13.05
N ASP A 20 1.51 12.29 13.20
CA ASP A 20 2.70 13.04 13.61
C ASP A 20 3.61 13.45 12.45
N TYR A 21 3.40 12.87 11.25
CA TYR A 21 4.27 13.07 10.10
C TYR A 21 3.58 13.58 8.87
N GLY A 22 4.35 14.31 8.06
CA GLY A 22 3.98 14.83 6.76
C GLY A 22 2.74 15.64 6.58
N ILE A 23 2.15 15.55 5.37
CA ILE A 23 0.97 16.22 4.84
C ILE A 23 -0.26 15.98 5.69
N THR A 24 -0.43 14.76 6.20
CA THR A 24 -1.56 14.34 7.05
C THR A 24 -1.49 15.05 8.41
N SER A 25 -0.27 15.16 8.98
CA SER A 25 -0.02 15.86 10.23
C SER A 25 -0.27 17.34 10.03
N ARG A 26 0.18 17.87 8.88
CA ARG A 26 0.08 19.26 8.46
C ARG A 26 -1.37 19.61 8.25
N ALA A 27 -2.14 18.74 7.58
CA ALA A 27 -3.58 18.93 7.32
C ALA A 27 -4.40 18.91 8.58
N VAL A 28 -4.00 18.12 9.59
CA VAL A 28 -4.69 18.05 10.90
C VAL A 28 -4.49 19.41 11.59
N LYS A 29 -3.21 19.86 11.67
CA LYS A 29 -2.79 21.16 12.23
C LYS A 29 -3.51 22.32 11.50
N GLN A 30 -3.45 22.37 10.14
CA GLN A 30 -4.14 23.35 9.28
C GLN A 30 -5.68 23.26 9.36
N GLY A 31 -6.21 22.23 10.01
CA GLY A 31 -7.65 21.99 10.15
C GLY A 31 -8.38 21.42 8.94
N LEU A 32 -7.67 20.97 7.89
CA LEU A 32 -8.27 20.38 6.68
C LEU A 32 -8.76 18.96 6.92
N LEU A 33 -8.17 18.27 7.92
CA LEU A 33 -8.40 16.87 8.23
C LEU A 33 -8.58 16.65 9.71
N THR A 34 -9.62 15.89 10.10
CA THR A 34 -9.87 15.45 11.48
C THR A 34 -9.61 13.93 11.47
N LEU A 35 -8.70 13.45 12.30
CA LEU A 35 -8.39 12.03 12.37
C LEU A 35 -8.61 11.50 13.80
N THR A 36 -9.46 10.46 13.93
CA THR A 36 -9.88 9.82 15.19
C THR A 36 -9.83 8.30 15.11
N CYS A 37 -9.50 7.64 16.22
CA CYS A 37 -9.43 6.18 16.33
C CYS A 37 -10.45 5.63 17.32
N TRP A 38 -10.89 4.37 17.10
CA TRP A 38 -11.95 3.67 17.85
C TRP A 38 -11.54 2.22 18.00
N ASN A 39 -10.95 1.91 19.15
CA ASN A 39 -10.41 0.60 19.44
C ASN A 39 -11.52 -0.38 19.81
N PRO A 40 -11.77 -1.46 18.99
CA PRO A 40 -12.79 -2.43 19.36
C PRO A 40 -12.52 -3.14 20.72
N ARG A 41 -11.25 -3.09 21.24
CA ARG A 41 -10.84 -3.68 22.53
C ARG A 41 -11.45 -2.98 23.74
N VAL A 42 -12.03 -1.80 23.52
CA VAL A 42 -12.67 -0.91 24.49
C VAL A 42 -14.18 -1.14 24.46
N TYR A 43 -14.66 -1.90 23.46
CA TYR A 43 -16.08 -2.22 23.27
C TYR A 43 -16.35 -3.73 23.49
N THR A 44 -15.43 -4.38 24.32
CA THR A 44 -15.36 -5.77 24.80
C THR A 44 -15.65 -5.86 26.30
N GLU A 45 -16.33 -6.93 26.75
CA GLU A 45 -16.74 -7.10 28.15
C GLU A 45 -15.91 -8.13 28.98
N ASP A 46 -14.57 -8.24 28.74
CA ASP A 46 -13.74 -9.17 29.52
C ASP A 46 -12.45 -8.55 30.09
N ARG A 47 -11.76 -9.31 30.99
CA ARG A 47 -10.53 -8.90 31.67
C ARG A 47 -9.31 -8.74 30.74
N HIS A 48 -9.24 -9.55 29.69
CA HIS A 48 -8.07 -9.49 28.76
C HIS A 48 -8.42 -8.75 27.47
N GLN A 49 -9.61 -8.16 27.38
CA GLN A 49 -10.06 -7.36 26.22
C GLN A 49 -10.11 -7.98 24.82
N THR A 50 -10.81 -9.11 24.67
CA THR A 50 -10.78 -9.99 23.47
C THR A 50 -11.61 -9.40 22.33
N VAL A 51 -11.07 -9.45 21.10
CA VAL A 51 -11.69 -8.97 19.85
C VAL A 51 -11.86 -10.13 18.83
N ASP A 52 -11.01 -11.16 18.94
CA ASP A 52 -11.00 -12.35 18.10
C ASP A 52 -11.85 -13.51 18.66
N ASP A 53 -12.26 -14.43 17.79
CA ASP A 53 -12.99 -15.65 18.11
C ASP A 53 -12.60 -16.71 17.08
N ARG A 54 -12.94 -17.98 17.36
CA ARG A 54 -12.58 -19.09 16.47
C ARG A 54 -13.45 -19.16 15.22
N PRO A 55 -12.89 -19.47 14.03
CA PRO A 55 -13.71 -19.56 12.81
C PRO A 55 -14.60 -20.81 12.70
N PHE A 56 -15.87 -20.61 12.26
CA PHE A 56 -16.81 -21.67 12.00
C PHE A 56 -16.32 -22.43 10.76
N GLY A 57 -16.40 -23.77 10.81
CA GLY A 57 -15.98 -24.65 9.73
C GLY A 57 -14.57 -25.16 9.86
N GLY A 58 -13.86 -24.65 10.87
CA GLY A 58 -12.48 -25.00 11.15
C GLY A 58 -11.50 -24.09 10.46
N GLY A 59 -10.33 -24.66 10.19
CA GLY A 59 -9.26 -23.95 9.51
C GLY A 59 -8.39 -23.15 10.46
N PRO A 60 -7.25 -22.61 9.97
CA PRO A 60 -6.38 -21.85 10.88
C PRO A 60 -6.85 -20.41 11.10
N GLY A 61 -6.21 -19.79 12.08
CA GLY A 61 -6.43 -18.42 12.49
C GLY A 61 -7.72 -18.15 13.26
N MET A 62 -7.93 -16.87 13.52
CA MET A 62 -9.06 -16.32 14.24
C MET A 62 -9.75 -15.34 13.32
N VAL A 63 -11.01 -15.05 13.60
CA VAL A 63 -11.83 -14.11 12.85
C VAL A 63 -12.18 -13.00 13.87
N MET A 64 -12.34 -11.77 13.43
CA MET A 64 -12.72 -10.71 14.35
C MET A 64 -14.23 -10.80 14.60
N LYS A 65 -14.56 -10.89 15.90
CA LYS A 65 -15.93 -10.99 16.39
C LYS A 65 -16.69 -9.68 16.18
N ILE A 66 -17.99 -9.80 15.83
CA ILE A 66 -18.92 -8.72 15.52
C ILE A 66 -19.10 -7.68 16.65
N LYS A 67 -19.47 -8.12 17.90
CA LYS A 67 -19.79 -7.20 19.01
C LYS A 67 -18.74 -6.07 19.21
N PRO A 68 -17.42 -6.38 19.39
CA PRO A 68 -16.43 -5.28 19.48
C PRO A 68 -16.48 -4.29 18.31
N LEU A 69 -16.57 -4.77 17.05
CA LEU A 69 -16.65 -3.99 15.82
C LEU A 69 -17.91 -3.14 15.71
N GLU A 70 -19.05 -3.73 16.11
CA GLU A 70 -20.40 -3.15 16.17
C GLU A 70 -20.32 -1.90 17.05
N GLY A 71 -19.73 -2.06 18.23
CA GLY A 71 -19.53 -1.01 19.22
C GLY A 71 -18.74 0.18 18.71
N ALA A 72 -17.53 -0.09 18.20
CA ALA A 72 -16.60 0.91 17.66
C ALA A 72 -17.17 1.71 16.46
N LEU A 73 -17.95 1.06 15.58
CA LEU A 73 -18.55 1.71 14.42
C LEU A 73 -19.70 2.61 14.85
N ALA A 74 -20.54 2.12 15.78
CA ALA A 74 -21.68 2.85 16.36
C ALA A 74 -21.16 4.17 16.97
N ASP A 75 -20.12 4.07 17.83
CA ASP A 75 -19.49 5.21 18.49
C ASP A 75 -18.87 6.17 17.47
N ALA A 76 -18.23 5.63 16.40
CA ALA A 76 -17.60 6.44 15.32
C ALA A 76 -18.62 7.17 14.49
N ARG A 77 -19.74 6.49 14.13
CA ARG A 77 -20.85 7.06 13.36
C ARG A 77 -21.51 8.23 14.12
N GLN A 78 -21.62 8.12 15.46
CA GLN A 78 -22.13 9.14 16.38
C GLN A 78 -21.21 10.38 16.33
N ALA A 79 -19.87 10.19 16.38
CA ALA A 79 -18.89 11.28 16.29
C ALA A 79 -18.83 11.98 14.93
N ALA A 80 -19.26 11.31 13.81
CA ALA A 80 -19.27 11.91 12.47
C ALA A 80 -20.28 13.05 12.42
N GLY A 81 -21.30 12.96 13.29
CA GLY A 81 -22.35 13.95 13.46
C GLY A 81 -23.26 14.03 12.26
N GLY A 82 -23.37 15.22 11.69
CA GLY A 82 -24.23 15.47 10.52
C GLY A 82 -23.57 15.20 9.19
N ARG A 83 -22.34 14.64 9.20
CA ARG A 83 -21.60 14.32 7.98
C ARG A 83 -22.08 13.02 7.36
N LYS A 84 -22.04 12.95 6.02
CA LYS A 84 -22.38 11.73 5.26
C LYS A 84 -21.11 10.89 5.30
N ALA A 85 -21.05 9.92 6.22
CA ALA A 85 -19.91 9.02 6.42
C ALA A 85 -20.05 7.76 5.59
N LYS A 86 -19.01 7.49 4.76
CA LYS A 86 -18.92 6.32 3.89
C LYS A 86 -18.09 5.30 4.70
N VAL A 87 -18.67 4.11 5.01
CA VAL A 87 -18.00 3.08 5.79
C VAL A 87 -17.26 2.18 4.82
N ILE A 88 -15.90 2.24 4.83
CA ILE A 88 -15.00 1.47 3.98
C ILE A 88 -14.34 0.40 4.81
N TYR A 89 -14.27 -0.82 4.28
CA TYR A 89 -13.51 -1.91 4.87
C TYR A 89 -12.27 -2.11 3.98
N LEU A 90 -11.10 -2.06 4.59
CA LEU A 90 -9.84 -2.33 3.90
C LEU A 90 -9.72 -3.86 3.77
N SER A 91 -9.75 -4.38 2.52
CA SER A 91 -9.70 -5.82 2.21
C SER A 91 -8.91 -6.15 0.91
N PRO A 92 -8.11 -7.23 0.83
CA PRO A 92 -7.46 -7.54 -0.45
C PRO A 92 -8.49 -7.96 -1.53
N GLN A 93 -9.73 -8.15 -1.09
CA GLN A 93 -10.91 -8.55 -1.87
C GLN A 93 -11.76 -7.36 -2.32
N GLY A 94 -11.28 -6.15 -2.08
CA GLY A 94 -12.01 -4.95 -2.44
C GLY A 94 -11.54 -4.33 -3.74
N ARG A 95 -12.13 -3.20 -4.11
CA ARG A 95 -11.83 -2.43 -5.30
C ARG A 95 -10.39 -1.95 -5.20
N GLN A 96 -9.58 -2.25 -6.22
CA GLN A 96 -8.17 -1.83 -6.24
C GLN A 96 -8.05 -0.35 -6.29
N LEU A 97 -7.31 0.20 -5.30
CA LEU A 97 -7.09 1.63 -5.16
C LEU A 97 -6.16 2.11 -6.31
N THR A 98 -6.63 3.14 -7.03
CA THR A 98 -5.94 3.81 -8.14
C THR A 98 -6.08 5.30 -7.92
N GLN A 99 -5.33 6.11 -8.67
CA GLN A 99 -5.42 7.55 -8.51
C GLN A 99 -6.83 8.10 -8.78
N ALA A 100 -7.57 7.47 -9.73
CA ALA A 100 -8.95 7.86 -10.03
C ALA A 100 -9.87 7.60 -8.84
N GLY A 101 -9.62 6.50 -8.12
CA GLY A 101 -10.33 6.13 -6.89
C GLY A 101 -10.04 7.10 -5.77
N VAL A 102 -8.77 7.53 -5.64
CA VAL A 102 -8.27 8.51 -4.67
C VAL A 102 -8.99 9.88 -4.88
N ARG A 103 -9.24 10.26 -6.14
CA ARG A 103 -9.93 11.51 -6.49
C ARG A 103 -11.39 11.47 -6.08
N GLU A 104 -12.04 10.28 -6.19
CA GLU A 104 -13.43 10.02 -5.82
C GLU A 104 -13.63 10.09 -4.31
N LEU A 105 -12.73 9.43 -3.56
CA LEU A 105 -12.72 9.39 -2.09
C LEU A 105 -12.45 10.76 -1.48
N ALA A 106 -11.62 11.59 -2.17
CA ALA A 106 -11.28 12.96 -1.72
C ALA A 106 -12.48 13.94 -1.77
N GLU A 107 -13.62 13.53 -2.34
CA GLU A 107 -14.83 14.33 -2.44
C GLU A 107 -15.80 14.06 -1.28
N GLU A 108 -15.51 13.05 -0.43
CA GLU A 108 -16.36 12.66 0.71
C GLU A 108 -16.14 13.56 1.91
N GLU A 109 -17.17 13.82 2.73
CA GLU A 109 -16.98 14.66 3.93
C GLU A 109 -16.48 13.86 5.10
N ALA A 110 -17.01 12.63 5.25
CA ALA A 110 -16.54 11.70 6.29
C ALA A 110 -16.32 10.30 5.73
N LEU A 111 -15.31 9.59 6.30
CA LEU A 111 -14.91 8.23 5.99
C LEU A 111 -14.69 7.45 7.28
N ILE A 112 -15.33 6.28 7.39
CA ILE A 112 -15.09 5.39 8.53
C ILE A 112 -14.34 4.18 7.99
N LEU A 113 -13.01 4.13 8.24
CA LEU A 113 -12.18 3.03 7.77
C LEU A 113 -12.07 1.90 8.79
N ILE A 114 -12.39 0.68 8.37
CA ILE A 114 -12.34 -0.48 9.21
C ILE A 114 -11.11 -1.28 8.87
N ALA A 115 -10.19 -1.31 9.81
CA ALA A 115 -8.90 -1.97 9.69
C ALA A 115 -9.04 -3.35 10.34
N GLY A 116 -9.14 -4.37 9.50
CA GLY A 116 -9.26 -5.75 9.94
C GLY A 116 -7.94 -6.26 10.45
N ARG A 117 -7.99 -7.43 11.09
CA ARG A 117 -6.86 -8.13 11.68
C ARG A 117 -7.17 -9.62 11.57
N TYR A 118 -6.21 -10.49 11.97
CA TYR A 118 -6.36 -11.96 11.97
C TYR A 118 -6.65 -12.48 10.54
N GLU A 119 -7.64 -13.37 10.37
CA GLU A 119 -7.99 -13.94 9.06
C GLU A 119 -9.06 -13.08 8.35
N GLY A 120 -9.58 -12.09 9.06
CA GLY A 120 -10.55 -11.14 8.54
C GLY A 120 -11.56 -10.78 9.60
N ILE A 121 -12.67 -10.19 9.18
CA ILE A 121 -13.81 -9.82 10.00
C ILE A 121 -14.98 -10.68 9.49
N ASP A 122 -16.00 -10.96 10.34
CA ASP A 122 -17.18 -11.76 10.02
C ASP A 122 -17.91 -11.16 8.82
N GLU A 123 -18.25 -11.98 7.82
CA GLU A 123 -18.95 -11.56 6.58
C GLU A 123 -20.26 -10.82 6.85
N ARG A 124 -21.01 -11.22 7.91
CA ARG A 124 -22.28 -10.61 8.28
C ARG A 124 -22.10 -9.15 8.73
N PHE A 125 -20.91 -8.77 9.22
CA PHE A 125 -20.62 -7.38 9.59
C PHE A 125 -20.46 -6.56 8.29
N ILE A 126 -19.71 -7.11 7.31
CA ILE A 126 -19.47 -6.49 6.00
C ILE A 126 -20.80 -6.33 5.25
N GLU A 127 -21.64 -7.38 5.21
CA GLU A 127 -22.95 -7.41 4.55
C GLU A 127 -23.90 -6.34 5.12
N GLU A 128 -23.93 -6.19 6.46
CA GLU A 128 -24.75 -5.22 7.18
C GLU A 128 -24.25 -3.78 7.20
N HIS A 129 -22.97 -3.54 7.57
CA HIS A 129 -22.44 -2.19 7.89
C HIS A 129 -21.47 -1.50 6.93
N VAL A 130 -20.76 -2.27 6.09
CA VAL A 130 -19.76 -1.76 5.16
C VAL A 130 -20.40 -1.34 3.83
N ASP A 131 -20.12 -0.08 3.39
CA ASP A 131 -20.60 0.52 2.14
C ASP A 131 -19.76 0.08 0.93
N GLU A 132 -18.42 0.11 1.05
CA GLU A 132 -17.51 -0.34 -0.01
C GLU A 132 -16.22 -0.95 0.57
N GLU A 133 -15.63 -1.91 -0.14
CA GLU A 133 -14.39 -2.57 0.25
C GLU A 133 -13.29 -2.11 -0.69
N TRP A 134 -12.14 -1.72 -0.10
CA TRP A 134 -11.01 -1.23 -0.90
C TRP A 134 -9.72 -2.00 -0.61
N SER A 135 -8.93 -2.24 -1.68
CA SER A 135 -7.62 -2.89 -1.60
C SER A 135 -6.57 -1.87 -1.98
N ILE A 136 -5.37 -1.98 -1.40
CA ILE A 136 -4.25 -1.12 -1.77
C ILE A 136 -3.40 -1.79 -2.89
N GLY A 137 -3.61 -3.08 -3.09
CA GLY A 137 -2.93 -3.90 -4.09
C GLY A 137 -3.14 -5.39 -3.87
N ASP A 138 -2.62 -6.21 -4.82
CA ASP A 138 -2.71 -7.66 -4.92
C ASP A 138 -1.73 -8.44 -4.05
N TYR A 139 -1.75 -8.17 -2.75
CA TYR A 139 -0.85 -8.82 -1.78
C TYR A 139 -1.57 -8.85 -0.45
N VAL A 140 -1.11 -9.70 0.47
CA VAL A 140 -1.73 -9.84 1.78
C VAL A 140 -0.79 -9.32 2.89
N LEU A 141 -1.35 -8.41 3.69
CA LEU A 141 -0.73 -7.78 4.85
C LEU A 141 -1.40 -8.39 6.10
N SER A 142 -0.82 -8.19 7.30
CA SER A 142 -1.37 -8.74 8.56
C SER A 142 -2.54 -7.98 9.15
N GLY A 143 -2.75 -6.75 8.67
CA GLY A 143 -3.81 -5.89 9.15
C GLY A 143 -4.14 -4.80 8.18
N GLY A 144 -5.26 -4.14 8.41
CA GLY A 144 -5.77 -3.08 7.55
C GLY A 144 -5.36 -1.71 7.99
N GLU A 145 -4.35 -1.60 8.90
CA GLU A 145 -3.84 -0.32 9.41
C GLU A 145 -2.92 0.39 8.45
N LEU A 146 -1.93 -0.31 7.85
CA LEU A 146 -1.08 0.30 6.82
C LEU A 146 -1.96 0.65 5.60
N PRO A 147 -2.90 -0.23 5.13
CA PRO A 147 -3.78 0.17 4.04
C PRO A 147 -4.64 1.41 4.31
N ALA A 148 -5.18 1.57 5.54
CA ALA A 148 -6.01 2.72 5.89
C ALA A 148 -5.17 4.00 5.85
N MET A 149 -3.88 3.92 6.26
CA MET A 149 -2.96 5.06 6.25
C MET A 149 -2.55 5.44 4.83
N VAL A 150 -2.48 4.45 3.95
CA VAL A 150 -2.17 4.59 2.53
C VAL A 150 -3.30 5.39 1.88
N LEU A 151 -4.59 5.00 2.13
CA LEU A 151 -5.80 5.67 1.66
C LEU A 151 -5.80 7.13 2.13
N VAL A 152 -5.70 7.35 3.46
CA VAL A 152 -5.68 8.67 4.08
C VAL A 152 -4.58 9.55 3.50
N ASP A 153 -3.35 9.05 3.38
CA ASP A 153 -2.25 9.83 2.83
C ASP A 153 -2.50 10.24 1.33
N ALA A 154 -2.87 9.29 0.46
CA ALA A 154 -3.17 9.58 -0.94
C ALA A 154 -4.33 10.63 -1.10
N VAL A 155 -5.43 10.48 -0.33
CA VAL A 155 -6.59 11.37 -0.32
C VAL A 155 -6.25 12.79 0.17
N THR A 156 -5.50 12.89 1.30
CA THR A 156 -5.05 14.15 1.92
C THR A 156 -4.29 15.06 0.95
N ARG A 157 -3.41 14.49 0.09
CA ARG A 157 -2.63 15.21 -0.92
C ARG A 157 -3.53 16.04 -1.85
N LEU A 158 -4.78 15.58 -2.04
CA LEU A 158 -5.77 16.17 -2.94
C LEU A 158 -6.70 17.17 -2.26
N LEU A 159 -6.47 17.46 -0.97
CA LEU A 159 -7.28 18.41 -0.22
C LEU A 159 -6.72 19.78 -0.48
N PRO A 160 -7.59 20.74 -0.85
CA PRO A 160 -7.11 22.11 -1.15
C PRO A 160 -6.35 22.79 -0.03
N GLY A 161 -5.06 23.02 -0.28
CA GLY A 161 -4.15 23.65 0.66
C GLY A 161 -3.23 22.70 1.41
N ALA A 162 -3.38 21.39 1.17
CA ALA A 162 -2.60 20.35 1.84
C ALA A 162 -1.14 20.37 1.42
N LEU A 163 -0.89 20.51 0.12
CA LEU A 163 0.45 20.55 -0.46
C LEU A 163 1.03 21.99 -0.35
N GLU A 171 0.43 16.32 -13.81
CA GLU A 171 1.32 16.76 -12.73
C GLU A 171 1.88 15.58 -11.90
N ASP A 172 0.99 14.63 -11.56
CA ASP A 172 1.33 13.43 -10.75
C ASP A 172 1.53 12.22 -11.66
N SER A 173 2.12 11.15 -11.13
CA SER A 173 2.46 9.94 -11.89
C SER A 173 1.26 9.13 -12.41
N PHE A 174 0.02 9.38 -11.99
CA PHE A 174 -1.11 8.57 -12.56
C PHE A 174 -2.28 9.47 -12.95
N THR A 175 -1.95 10.73 -13.23
CA THR A 175 -2.85 11.81 -13.59
C THR A 175 -2.61 12.03 -15.07
N ASP A 176 -3.70 12.00 -15.87
CA ASP A 176 -3.68 12.18 -17.34
C ASP A 176 -2.93 11.03 -18.06
N GLY A 177 -2.92 9.84 -17.44
CA GLY A 177 -2.32 8.65 -18.04
C GLY A 177 -0.86 8.35 -17.75
N LEU A 178 0.05 9.31 -18.08
CA LEU A 178 1.52 9.21 -17.95
C LEU A 178 2.07 9.06 -16.53
N LEU A 179 3.33 8.55 -16.44
CA LEU A 179 4.20 8.43 -15.26
C LEU A 179 5.00 9.74 -15.23
N ASP A 180 5.63 10.08 -14.10
CA ASP A 180 6.41 11.31 -14.01
C ASP A 180 7.74 11.21 -14.78
N CYS A 181 8.38 12.37 -15.01
CA CYS A 181 9.67 12.49 -15.70
C CYS A 181 10.78 12.33 -14.65
N PRO A 182 12.07 12.17 -15.02
CA PRO A 182 13.10 12.07 -13.99
C PRO A 182 13.33 13.43 -13.36
N HIS A 183 13.77 13.43 -12.10
CA HIS A 183 14.04 14.63 -11.35
C HIS A 183 15.53 14.73 -11.09
N TYR A 184 16.08 15.94 -11.16
CA TYR A 184 17.49 16.21 -10.96
C TYR A 184 17.68 17.42 -10.05
N THR A 185 18.74 17.40 -9.24
CA THR A 185 19.07 18.51 -8.34
C THR A 185 20.58 18.64 -8.24
N ARG A 186 21.06 19.64 -7.47
CA ARG A 186 22.48 19.96 -7.30
C ARG A 186 23.32 18.77 -6.78
N PRO A 187 24.54 18.51 -7.31
CA PRO A 187 25.30 19.31 -8.32
C PRO A 187 24.96 19.06 -9.80
N GLU A 188 25.34 19.98 -10.69
CA GLU A 188 25.19 19.83 -12.17
C GLU A 188 25.88 18.54 -12.65
N VAL A 189 27.03 18.18 -12.04
CA VAL A 189 27.79 16.96 -12.36
C VAL A 189 28.11 16.24 -11.06
N TYR A 190 27.78 14.95 -11.01
CA TYR A 190 28.08 14.13 -9.86
C TYR A 190 28.63 12.79 -10.32
N ALA A 191 29.81 12.39 -9.80
CA ALA A 191 30.46 11.12 -10.14
C ALA A 191 30.41 10.77 -11.67
N ASP A 192 30.89 11.72 -12.49
CA ASP A 192 30.93 11.65 -13.97
C ASP A 192 29.53 11.57 -14.63
N LYS A 193 28.47 12.08 -13.94
CA LYS A 193 27.11 12.09 -14.46
C LYS A 193 26.54 13.49 -14.37
N ARG A 194 26.24 14.07 -15.53
CA ARG A 194 25.73 15.43 -15.64
C ARG A 194 24.21 15.45 -15.82
N VAL A 195 23.57 16.52 -15.33
CA VAL A 195 22.15 16.79 -15.46
C VAL A 195 21.85 17.10 -16.95
N PRO A 196 20.78 16.54 -17.57
CA PRO A 196 20.46 16.89 -18.96
C PRO A 196 20.55 18.40 -19.23
N GLU A 197 21.21 18.77 -20.35
CA GLU A 197 21.47 20.15 -20.72
C GLU A 197 20.20 20.99 -20.87
N VAL A 198 19.07 20.41 -21.34
CA VAL A 198 17.77 21.11 -21.48
C VAL A 198 17.40 21.80 -20.14
N LEU A 199 17.56 21.06 -19.00
CA LEU A 199 17.23 21.53 -17.65
C LEU A 199 18.14 22.68 -17.20
N LEU A 200 19.38 22.69 -17.69
CA LEU A 200 20.31 23.77 -17.31
C LEU A 200 20.18 24.95 -18.27
N SER A 201 19.54 24.77 -19.41
CA SER A 201 19.38 25.84 -20.43
C SER A 201 18.52 27.05 -20.06
N GLY A 202 17.31 26.82 -19.55
CA GLY A 202 16.44 27.94 -19.19
C GLY A 202 15.33 28.29 -20.15
N ASN A 203 15.09 27.42 -21.14
CA ASN A 203 14.00 27.66 -22.10
C ASN A 203 12.85 26.81 -21.60
N HIS A 204 11.76 27.45 -21.14
CA HIS A 204 10.55 26.84 -20.59
C HIS A 204 9.87 25.85 -21.53
N GLU A 205 9.82 26.14 -22.85
CA GLU A 205 9.21 25.24 -23.84
C GLU A 205 10.05 23.98 -24.09
N HIS A 206 11.38 24.12 -24.07
CA HIS A 206 12.35 23.04 -24.25
C HIS A 206 12.22 22.06 -23.10
N ILE A 207 12.15 22.60 -21.85
CA ILE A 207 11.98 21.88 -20.59
C ILE A 207 10.59 21.22 -20.57
N ARG A 208 9.54 21.97 -20.88
CA ARG A 208 8.16 21.46 -20.95
C ARG A 208 8.05 20.26 -21.90
N ARG A 209 8.69 20.35 -23.11
CA ARG A 209 8.62 19.28 -24.10
C ARG A 209 9.52 18.09 -23.76
N TRP A 210 10.75 18.35 -23.21
CA TRP A 210 11.66 17.28 -22.80
C TRP A 210 11.03 16.49 -21.66
N ARG A 211 10.44 17.21 -20.69
CA ARG A 211 9.80 16.57 -19.55
C ARG A 211 8.59 15.73 -19.95
N LEU A 212 7.77 16.23 -20.90
CA LEU A 212 6.60 15.50 -21.39
C LEU A 212 7.01 14.24 -22.18
N GLN A 213 8.06 14.33 -23.00
CA GLN A 213 8.63 13.24 -23.79
C GLN A 213 9.20 12.12 -22.91
N GLN A 214 9.95 12.49 -21.87
CA GLN A 214 10.54 11.56 -20.90
C GLN A 214 9.41 10.83 -20.13
N ALA A 215 8.35 11.55 -19.74
CA ALA A 215 7.18 10.94 -19.09
C ALA A 215 6.60 9.94 -20.02
N LEU A 216 6.25 10.37 -21.25
CA LEU A 216 5.67 9.53 -22.31
C LEU A 216 6.51 8.26 -22.58
N GLY A 217 7.81 8.47 -22.72
CA GLY A 217 8.79 7.41 -22.93
C GLY A 217 8.87 6.42 -21.80
N ARG A 218 8.95 6.91 -20.52
CA ARG A 218 8.98 6.06 -19.29
C ARG A 218 7.69 5.25 -19.18
N THR A 219 6.54 5.87 -19.47
CA THR A 219 5.22 5.21 -19.45
C THR A 219 5.17 4.11 -20.51
N TRP A 220 5.73 4.35 -21.71
CA TRP A 220 5.73 3.39 -22.80
C TRP A 220 6.60 2.15 -22.46
N GLU A 221 7.80 2.38 -21.94
CA GLU A 221 8.77 1.36 -21.57
C GLU A 221 8.27 0.44 -20.45
N ARG A 222 7.70 1.04 -19.37
CA ARG A 222 7.28 0.38 -18.12
C ARG A 222 5.80 0.07 -18.00
N ARG A 223 4.94 1.00 -18.40
CA ARG A 223 3.50 0.88 -18.21
C ARG A 223 2.71 1.19 -19.48
N ALA A 224 2.93 0.37 -20.52
CA ALA A 224 2.23 0.54 -21.81
C ALA A 224 0.71 0.47 -21.69
N ASP A 225 0.20 -0.30 -20.69
CA ASP A 225 -1.22 -0.44 -20.36
C ASP A 225 -1.87 0.94 -20.08
N LEU A 226 -1.16 1.84 -19.35
CA LEU A 226 -1.58 3.20 -19.04
C LEU A 226 -1.80 4.02 -20.32
N LEU A 227 -0.94 3.81 -21.35
CA LEU A 227 -1.00 4.48 -22.66
C LEU A 227 -2.20 4.06 -23.52
N ASP A 228 -2.52 2.73 -23.56
CA ASP A 228 -3.65 2.15 -24.31
C ASP A 228 -4.95 2.90 -23.90
N SER A 229 -5.14 3.11 -22.58
CA SER A 229 -6.28 3.83 -22.01
C SER A 229 -5.97 5.34 -21.88
N ARG A 230 -5.42 5.95 -22.95
CA ARG A 230 -5.06 7.37 -23.00
C ARG A 230 -5.26 7.96 -24.41
N SER A 231 -5.69 9.25 -24.46
CA SER A 231 -5.91 10.02 -25.69
C SER A 231 -4.60 10.73 -26.07
N LEU A 232 -3.71 10.00 -26.76
CA LEU A 232 -2.39 10.45 -27.19
C LEU A 232 -2.50 11.48 -28.32
N SER A 233 -2.24 12.77 -28.00
CA SER A 233 -2.31 13.87 -28.98
C SER A 233 -1.24 13.72 -30.08
N GLY A 234 -1.34 14.55 -31.11
CA GLY A 234 -0.39 14.58 -32.22
C GLY A 234 1.00 15.01 -31.76
N GLU A 235 1.02 15.92 -30.75
CA GLU A 235 2.23 16.43 -30.11
C GLU A 235 2.93 15.28 -29.37
N GLU A 236 2.16 14.52 -28.58
CA GLU A 236 2.61 13.38 -27.79
C GLU A 236 3.03 12.20 -28.66
N GLN A 237 2.30 11.91 -29.74
CA GLN A 237 2.66 10.82 -30.65
C GLN A 237 4.03 11.04 -31.29
N LYS A 238 4.32 12.32 -31.65
CA LYS A 238 5.57 12.78 -32.23
C LYS A 238 6.72 12.73 -31.23
N LEU A 239 6.49 13.17 -29.98
CA LEU A 239 7.48 13.21 -28.90
C LEU A 239 7.85 11.81 -28.44
N LEU A 240 6.84 10.90 -28.37
CA LEU A 240 7.02 9.50 -28.00
C LEU A 240 7.72 8.74 -29.11
N ALA A 241 7.35 8.98 -30.40
CA ALA A 241 7.98 8.35 -31.57
C ALA A 241 9.47 8.70 -31.55
N GLU A 242 9.80 9.98 -31.23
CA GLU A 242 11.17 10.50 -31.11
C GLU A 242 11.94 9.81 -29.98
N TYR A 243 11.31 9.64 -28.80
CA TYR A 243 11.89 8.97 -27.65
C TYR A 243 12.31 7.55 -28.05
N ILE A 244 11.38 6.80 -28.72
CA ILE A 244 11.58 5.42 -29.15
C ILE A 244 12.72 5.27 -30.16
N ARG A 245 12.62 5.98 -31.31
CA ARG A 245 13.59 5.92 -32.44
C ARG A 245 15.02 6.40 -32.11
N GLN A 246 15.18 7.32 -31.13
CA GLN A 246 16.46 7.93 -30.70
C GLN A 246 17.19 7.25 -29.51
N ARG A 247 16.87 5.98 -29.21
CA ARG A 247 17.46 5.20 -28.11
C ARG A 247 18.17 3.99 -28.70
N ASP A 248 19.24 3.50 -28.02
CA ASP A 248 19.91 2.26 -28.45
C ASP A 248 18.99 1.07 -28.13
N SER B 1 19.42 -13.49 12.54
CA SER B 1 18.10 -13.29 11.96
C SER B 1 17.99 -13.82 10.53
N MET B 2 16.79 -14.28 10.18
CA MET B 2 16.41 -14.85 8.90
C MET B 2 16.44 -13.78 7.80
N LEU B 3 15.87 -12.58 8.10
CA LEU B 3 15.86 -11.43 7.20
C LEU B 3 16.32 -10.16 7.92
N TRP B 4 17.31 -9.49 7.34
CA TRP B 4 17.84 -8.20 7.77
C TRP B 4 17.22 -7.17 6.81
N VAL B 5 16.64 -6.07 7.34
CA VAL B 5 16.02 -4.97 6.57
C VAL B 5 16.61 -3.66 7.06
N GLY B 6 17.13 -2.89 6.12
CA GLY B 6 17.67 -1.56 6.37
C GLY B 6 16.82 -0.56 5.62
N VAL B 7 16.34 0.48 6.29
CA VAL B 7 15.47 1.50 5.69
C VAL B 7 16.16 2.84 5.63
N VAL B 8 16.16 3.49 4.46
CA VAL B 8 16.78 4.78 4.24
C VAL B 8 15.64 5.77 4.18
N SER B 9 15.43 6.51 5.29
CA SER B 9 14.30 7.43 5.44
C SER B 9 14.66 8.63 6.27
N ILE B 10 14.04 9.81 5.98
CA ILE B 10 14.26 11.03 6.74
C ILE B 10 13.43 11.05 8.04
N PHE B 11 12.48 10.11 8.18
CA PHE B 11 11.58 9.93 9.31
C PHE B 11 11.71 8.52 9.85
N PRO B 12 12.87 8.14 10.47
CA PRO B 12 13.02 6.77 10.96
C PRO B 12 12.06 6.40 12.08
N GLU B 13 11.65 7.40 12.86
CA GLU B 13 10.80 7.14 13.99
C GLU B 13 9.35 6.81 13.59
N MET B 14 8.92 6.97 12.28
CA MET B 14 7.61 6.58 11.70
C MET B 14 7.51 5.08 11.69
N PHE B 15 8.67 4.39 11.63
CA PHE B 15 8.80 2.93 11.54
C PHE B 15 8.54 2.21 12.85
N ARG B 16 8.09 2.96 13.86
CA ARG B 16 7.67 2.42 15.14
C ARG B 16 6.31 1.72 14.93
N ALA B 17 5.54 2.13 13.89
CA ALA B 17 4.24 1.52 13.49
C ALA B 17 4.39 0.03 13.19
N ILE B 18 5.55 -0.41 12.64
CA ILE B 18 5.88 -1.82 12.37
C ILE B 18 6.84 -2.41 13.43
N SER B 19 7.68 -1.62 14.06
CA SER B 19 8.63 -2.22 15.01
C SER B 19 8.02 -2.49 16.40
N ASP B 20 7.00 -1.70 16.79
CA ASP B 20 6.34 -1.83 18.08
C ASP B 20 5.01 -2.59 18.03
N TYR B 21 4.45 -2.86 16.84
CA TYR B 21 3.14 -3.48 16.71
C TYR B 21 3.12 -4.57 15.67
N GLY B 22 2.19 -5.52 15.86
CA GLY B 22 1.94 -6.68 14.99
C GLY B 22 3.00 -7.76 14.86
N ILE B 23 2.89 -8.53 13.75
CA ILE B 23 3.78 -9.64 13.35
C ILE B 23 5.24 -9.20 13.22
N THR B 24 5.47 -8.01 12.65
CA THR B 24 6.80 -7.42 12.44
C THR B 24 7.51 -7.21 13.79
N SER B 25 6.77 -6.72 14.80
CA SER B 25 7.26 -6.52 16.15
C SER B 25 7.61 -7.86 16.78
N ARG B 26 6.68 -8.82 16.68
CA ARG B 26 6.90 -10.17 17.17
C ARG B 26 8.12 -10.81 16.48
N ALA B 27 8.26 -10.72 15.11
CA ALA B 27 9.40 -11.28 14.37
C ALA B 27 10.72 -10.70 14.78
N VAL B 28 10.75 -9.40 15.18
CA VAL B 28 11.96 -8.74 15.65
C VAL B 28 12.35 -9.38 17.00
N LYS B 29 11.37 -9.45 17.93
CA LYS B 29 11.49 -10.07 19.24
C LYS B 29 11.93 -11.55 19.10
N GLN B 30 11.21 -12.37 18.29
CA GLN B 30 11.52 -13.78 17.98
C GLN B 30 12.86 -13.96 17.24
N GLY B 31 13.48 -12.86 16.80
CA GLY B 31 14.74 -12.85 16.08
C GLY B 31 14.70 -13.24 14.61
N LEU B 32 13.50 -13.36 14.00
CA LEU B 32 13.34 -13.70 12.57
C LEU B 32 13.67 -12.52 11.65
N LEU B 33 13.55 -11.29 12.17
CA LEU B 33 13.68 -10.04 11.43
C LEU B 33 14.52 -9.03 12.20
N THR B 34 15.49 -8.38 11.50
CA THR B 34 16.31 -7.28 12.02
C THR B 34 15.87 -6.05 11.24
N LEU B 35 15.41 -5.01 11.93
CA LEU B 35 14.95 -3.78 11.29
C LEU B 35 15.77 -2.58 11.80
N THR B 36 16.42 -1.85 10.87
CA THR B 36 17.32 -0.70 11.13
C THR B 36 17.01 0.47 10.19
N CYS B 37 17.19 1.71 10.68
CA CYS B 37 16.97 2.94 9.93
C CYS B 37 18.25 3.75 9.74
N TRP B 38 18.33 4.56 8.65
CA TRP B 38 19.49 5.34 8.21
C TRP B 38 19.01 6.64 7.66
N ASN B 39 19.06 7.68 8.50
CA ASN B 39 18.57 9.02 8.16
C ASN B 39 19.55 9.76 7.25
N PRO B 40 19.16 10.10 5.99
CA PRO B 40 20.07 10.84 5.11
C PRO B 40 20.52 12.20 5.59
N ARG B 41 19.79 12.87 6.51
CA ARG B 41 20.22 14.20 6.99
C ARG B 41 21.51 14.11 7.85
N VAL B 42 21.78 12.92 8.37
CA VAL B 42 22.94 12.64 9.19
C VAL B 42 24.17 12.42 8.29
N TYR B 43 23.93 12.33 6.97
CA TYR B 43 24.96 12.11 5.96
C TYR B 43 25.13 13.27 4.97
N THR B 44 24.66 14.49 5.28
CA THR B 44 24.86 15.61 4.37
C THR B 44 26.37 16.01 4.34
N GLU B 45 26.80 16.81 3.33
CA GLU B 45 28.20 17.27 3.19
C GLU B 45 28.73 17.86 4.51
N ASP B 46 27.88 18.68 5.18
CA ASP B 46 28.05 19.35 6.46
C ASP B 46 26.65 19.59 7.04
N ARG B 47 26.55 19.88 8.34
CA ARG B 47 25.31 20.10 9.10
C ARG B 47 24.40 21.26 8.61
N HIS B 48 24.89 22.09 7.67
CA HIS B 48 24.20 23.26 7.11
C HIS B 48 23.58 23.00 5.72
N GLN B 49 23.51 21.72 5.33
CA GLN B 49 22.93 21.26 4.08
C GLN B 49 21.68 20.42 4.40
N THR B 50 20.60 20.67 3.66
CA THR B 50 19.33 19.95 3.72
C THR B 50 19.47 18.71 2.83
N VAL B 51 18.58 17.69 3.02
CA VAL B 51 18.58 16.46 2.21
C VAL B 51 18.11 16.79 0.82
N ASP B 52 17.20 17.77 0.71
CA ASP B 52 16.57 18.28 -0.51
C ASP B 52 17.17 19.56 -1.04
N ASP B 53 16.91 19.81 -2.31
CA ASP B 53 17.34 21.00 -3.02
C ASP B 53 16.39 21.24 -4.17
N ARG B 54 16.60 22.34 -4.89
CA ARG B 54 15.75 22.78 -5.99
C ARG B 54 15.88 21.93 -7.22
N PRO B 55 14.73 21.65 -7.89
CA PRO B 55 14.82 20.90 -9.15
C PRO B 55 15.37 21.74 -10.31
N PHE B 56 16.27 21.14 -11.10
CA PHE B 56 16.85 21.74 -12.30
C PHE B 56 15.75 21.82 -13.34
N GLY B 57 15.63 22.96 -14.01
CA GLY B 57 14.63 23.19 -15.04
C GLY B 57 13.34 23.83 -14.56
N GLY B 58 13.26 24.05 -13.25
CA GLY B 58 12.09 24.65 -12.61
C GLY B 58 11.07 23.63 -12.17
N GLY B 59 9.81 24.04 -12.15
CA GLY B 59 8.70 23.17 -11.75
C GLY B 59 8.45 23.19 -10.26
N PRO B 60 7.37 22.53 -9.77
CA PRO B 60 7.09 22.56 -8.33
C PRO B 60 7.95 21.61 -7.51
N GLY B 61 7.95 21.82 -6.20
CA GLY B 61 8.63 20.98 -5.23
C GLY B 61 10.13 20.99 -5.18
N MET B 62 10.67 20.08 -4.37
CA MET B 62 12.09 19.86 -4.13
C MET B 62 12.42 18.43 -4.51
N VAL B 63 13.70 18.16 -4.75
CA VAL B 63 14.20 16.84 -5.15
C VAL B 63 15.21 16.46 -4.06
N MET B 64 15.30 15.18 -3.70
CA MET B 64 16.26 14.76 -2.68
C MET B 64 17.63 14.65 -3.31
N LYS B 65 18.66 15.22 -2.68
CA LYS B 65 20.05 15.19 -3.18
C LYS B 65 20.64 13.77 -3.24
N ILE B 66 21.65 13.54 -4.12
CA ILE B 66 22.32 12.24 -4.28
C ILE B 66 23.31 11.97 -3.13
N LYS B 67 24.13 12.96 -2.67
CA LYS B 67 25.13 12.77 -1.60
C LYS B 67 24.53 12.22 -0.24
N PRO B 68 23.49 12.85 0.42
CA PRO B 68 22.92 12.29 1.66
C PRO B 68 22.45 10.82 1.58
N LEU B 69 21.82 10.47 0.44
CA LEU B 69 21.32 9.15 0.11
C LEU B 69 22.43 8.15 -0.09
N GLU B 70 23.48 8.56 -0.79
CA GLU B 70 24.64 7.73 -1.09
C GLU B 70 25.40 7.38 0.19
N GLY B 71 25.44 8.33 1.15
CA GLY B 71 26.04 8.14 2.47
C GLY B 71 25.31 7.10 3.29
N ALA B 72 23.96 7.22 3.32
CA ALA B 72 23.06 6.37 4.11
C ALA B 72 23.07 4.93 3.64
N LEU B 73 23.12 4.75 2.29
CA LEU B 73 23.19 3.45 1.62
C LEU B 73 24.55 2.75 1.86
N ALA B 74 25.65 3.51 1.78
CA ALA B 74 27.00 3.04 2.05
C ALA B 74 27.08 2.49 3.48
N ASP B 75 26.60 3.28 4.47
CA ASP B 75 26.55 2.90 5.87
C ASP B 75 25.65 1.70 6.10
N ALA B 76 24.48 1.64 5.39
CA ALA B 76 23.53 0.52 5.49
C ALA B 76 24.12 -0.76 4.91
N ARG B 77 24.82 -0.69 3.72
CA ARG B 77 25.49 -1.87 3.10
C ARG B 77 26.51 -2.46 4.06
N GLN B 78 27.32 -1.57 4.70
CA GLN B 78 28.33 -1.92 5.67
C GLN B 78 27.71 -2.72 6.82
N ALA B 79 26.55 -2.28 7.36
CA ALA B 79 25.84 -3.00 8.42
C ALA B 79 25.21 -4.33 8.00
N ALA B 80 24.91 -4.52 6.69
CA ALA B 80 24.36 -5.77 6.15
C ALA B 80 25.38 -6.90 6.31
N GLY B 81 26.67 -6.51 6.33
CA GLY B 81 27.81 -7.41 6.50
C GLY B 81 28.03 -8.31 5.32
N GLY B 82 28.03 -9.61 5.59
CA GLY B 82 28.22 -10.63 4.57
C GLY B 82 26.96 -11.04 3.81
N ARG B 83 25.83 -10.38 4.09
CA ARG B 83 24.55 -10.66 3.45
C ARG B 83 24.47 -10.03 2.06
N LYS B 84 23.73 -10.69 1.15
CA LYS B 84 23.52 -10.21 -0.21
C LYS B 84 22.30 -9.29 -0.19
N ALA B 85 22.59 -7.99 0.00
CA ALA B 85 21.59 -6.93 0.14
C ALA B 85 21.13 -6.43 -1.19
N LYS B 86 19.81 -6.48 -1.39
CA LYS B 86 19.10 -6.03 -2.59
C LYS B 86 18.61 -4.64 -2.28
N VAL B 87 18.96 -3.66 -3.09
CA VAL B 87 18.61 -2.26 -2.89
C VAL B 87 17.37 -1.93 -3.69
N ILE B 88 16.24 -1.72 -2.99
CA ILE B 88 14.92 -1.41 -3.51
C ILE B 88 14.61 0.04 -3.29
N TYR B 89 14.14 0.73 -4.34
CA TYR B 89 13.61 2.09 -4.27
C TYR B 89 12.09 1.96 -4.38
N LEU B 90 11.37 2.49 -3.40
CA LEU B 90 9.92 2.51 -3.41
C LEU B 90 9.52 3.68 -4.31
N SER B 91 8.85 3.40 -5.41
CA SER B 91 8.44 4.40 -6.40
C SER B 91 7.10 4.01 -7.09
N PRO B 92 6.22 4.99 -7.47
CA PRO B 92 4.99 4.59 -8.19
C PRO B 92 5.31 4.12 -9.63
N GLN B 93 6.57 4.30 -10.03
CA GLN B 93 7.10 3.96 -11.35
C GLN B 93 7.84 2.62 -11.37
N GLY B 94 7.74 1.85 -10.28
CA GLY B 94 8.38 0.55 -10.18
C GLY B 94 7.45 -0.61 -10.47
N ARG B 95 7.99 -1.83 -10.31
CA ARG B 95 7.29 -3.11 -10.47
C ARG B 95 6.16 -3.17 -9.45
N GLN B 96 4.93 -3.37 -9.94
CA GLN B 96 3.77 -3.47 -9.05
C GLN B 96 3.87 -4.66 -8.15
N LEU B 97 3.79 -4.39 -6.82
CA LEU B 97 3.86 -5.40 -5.78
C LEU B 97 2.61 -6.28 -5.85
N THR B 98 2.83 -7.61 -5.87
CA THR B 98 1.83 -8.68 -5.90
C THR B 98 2.30 -9.74 -4.93
N GLN B 99 1.42 -10.70 -4.59
CA GLN B 99 1.79 -11.75 -3.67
C GLN B 99 2.96 -12.59 -4.17
N ALA B 100 3.07 -12.79 -5.50
CA ALA B 100 4.18 -13.54 -6.10
C ALA B 100 5.50 -12.81 -5.89
N GLY B 101 5.47 -11.48 -5.96
CA GLY B 101 6.59 -10.58 -5.71
C GLY B 101 7.02 -10.65 -4.25
N VAL B 102 6.03 -10.69 -3.33
CA VAL B 102 6.22 -10.80 -1.87
C VAL B 102 6.94 -12.11 -1.52
N ARG B 103 6.61 -13.22 -2.22
CA ARG B 103 7.22 -14.53 -2.03
C ARG B 103 8.69 -14.55 -2.48
N GLU B 104 9.02 -13.79 -3.57
CA GLU B 104 10.36 -13.63 -4.12
C GLU B 104 11.25 -12.84 -3.17
N LEU B 105 10.73 -11.70 -2.66
CA LEU B 105 11.42 -10.80 -1.72
C LEU B 105 11.67 -11.49 -0.38
N ALA B 106 10.76 -12.38 0.04
CA ALA B 106 10.87 -13.14 1.30
C ALA B 106 12.04 -14.17 1.32
N GLU B 107 12.69 -14.39 0.17
CA GLU B 107 13.81 -15.32 0.03
C GLU B 107 15.17 -14.62 0.14
N GLU B 108 15.17 -13.27 0.19
CA GLU B 108 16.39 -12.47 0.29
C GLU B 108 16.93 -12.46 1.70
N GLU B 109 18.27 -12.39 1.80
CA GLU B 109 19.08 -12.36 3.02
C GLU B 109 18.90 -10.99 3.69
N ALA B 110 19.08 -9.92 2.88
CA ALA B 110 19.02 -8.53 3.26
C ALA B 110 18.36 -7.68 2.19
N LEU B 111 17.64 -6.62 2.62
CA LEU B 111 16.94 -5.65 1.80
C LEU B 111 17.22 -4.25 2.29
N ILE B 112 17.64 -3.36 1.38
CA ILE B 112 17.83 -1.98 1.72
C ILE B 112 16.75 -1.19 1.01
N LEU B 113 15.72 -0.75 1.75
CA LEU B 113 14.62 0.01 1.20
C LEU B 113 14.87 1.51 1.25
N ILE B 114 14.70 2.19 0.10
CA ILE B 114 14.91 3.62 -0.01
C ILE B 114 13.57 4.29 -0.12
N ALA B 115 13.22 5.02 0.94
CA ALA B 115 11.97 5.72 1.08
C ALA B 115 12.19 7.18 0.65
N GLY B 116 11.70 7.50 -0.53
CA GLY B 116 11.79 8.84 -1.09
C GLY B 116 10.82 9.78 -0.41
N ARG B 117 11.05 11.08 -0.61
CA ARG B 117 10.20 12.19 -0.09
C ARG B 117 10.18 13.32 -1.13
N TYR B 118 9.46 14.40 -0.86
CA TYR B 118 9.35 15.56 -1.78
C TYR B 118 8.79 15.13 -3.13
N GLU B 119 9.45 15.51 -4.24
CA GLU B 119 8.98 15.17 -5.61
C GLU B 119 9.66 13.89 -6.10
N GLY B 120 10.70 13.47 -5.39
CA GLY B 120 11.44 12.25 -5.61
C GLY B 120 12.90 12.41 -5.32
N ILE B 121 13.68 11.40 -5.73
CA ILE B 121 15.13 11.37 -5.56
C ILE B 121 15.74 11.55 -6.94
N ASP B 122 16.97 12.08 -7.02
CA ASP B 122 17.73 12.35 -8.24
C ASP B 122 17.91 11.06 -9.02
N GLU B 123 17.60 11.11 -10.34
CA GLU B 123 17.67 9.96 -11.25
C GLU B 123 19.04 9.28 -11.26
N ARG B 124 20.13 10.07 -11.14
CA ARG B 124 21.51 9.57 -11.13
C ARG B 124 21.78 8.67 -9.93
N PHE B 125 21.05 8.83 -8.82
CA PHE B 125 21.18 7.93 -7.66
C PHE B 125 20.55 6.58 -8.00
N ILE B 126 19.34 6.61 -8.62
CA ILE B 126 18.58 5.40 -9.02
C ILE B 126 19.37 4.61 -10.05
N GLU B 127 19.91 5.33 -11.09
CA GLU B 127 20.72 4.78 -12.19
C GLU B 127 21.95 4.03 -11.67
N GLU B 128 22.66 4.65 -10.70
CA GLU B 128 23.87 4.12 -10.08
C GLU B 128 23.69 3.03 -9.03
N HIS B 129 22.80 3.26 -8.01
CA HIS B 129 22.74 2.44 -6.79
C HIS B 129 21.55 1.51 -6.56
N VAL B 130 20.39 1.80 -7.19
CA VAL B 130 19.17 1.03 -6.99
C VAL B 130 19.15 -0.22 -7.92
N ASP B 131 18.91 -1.41 -7.31
CA ASP B 131 18.81 -2.72 -7.95
C ASP B 131 17.42 -2.95 -8.57
N GLU B 132 16.33 -2.65 -7.82
CA GLU B 132 14.98 -2.74 -8.36
C GLU B 132 14.06 -1.67 -7.75
N GLU B 133 13.08 -1.19 -8.54
CA GLU B 133 12.09 -0.21 -8.11
C GLU B 133 10.75 -0.93 -7.92
N TRP B 134 10.10 -0.70 -6.76
CA TRP B 134 8.83 -1.33 -6.48
C TRP B 134 7.73 -0.33 -6.16
N SER B 135 6.51 -0.61 -6.62
CA SER B 135 5.32 0.18 -6.34
C SER B 135 4.38 -0.66 -5.51
N ILE B 136 3.60 -0.02 -4.63
CA ILE B 136 2.59 -0.74 -3.85
C ILE B 136 1.24 -0.69 -4.60
N GLY B 137 1.14 0.18 -5.62
CA GLY B 137 -0.05 0.37 -6.44
C GLY B 137 -0.02 1.66 -7.23
N ASP B 138 -1.06 1.87 -8.08
CA ASP B 138 -1.22 2.97 -9.03
C ASP B 138 -1.83 4.23 -8.45
N TYR B 139 -1.16 4.77 -7.43
CA TYR B 139 -1.58 6.01 -6.74
C TYR B 139 -0.34 6.67 -6.21
N VAL B 140 -0.43 7.96 -5.88
CA VAL B 140 0.71 8.72 -5.38
C VAL B 140 0.51 9.09 -3.91
N LEU B 141 1.51 8.74 -3.12
CA LEU B 141 1.63 9.01 -1.69
C LEU B 141 2.72 10.12 -1.53
N SER B 142 2.86 10.73 -0.32
CA SER B 142 3.81 11.81 -0.06
C SER B 142 5.24 11.33 0.27
N GLY B 143 5.38 10.04 0.54
CA GLY B 143 6.68 9.45 0.86
C GLY B 143 6.67 7.97 0.69
N GLY B 144 7.85 7.39 0.70
CA GLY B 144 8.03 5.95 0.52
C GLY B 144 8.10 5.18 1.80
N GLU B 145 7.67 5.82 2.94
CA GLU B 145 7.69 5.20 4.28
C GLU B 145 6.55 4.23 4.49
N LEU B 146 5.31 4.61 4.15
CA LEU B 146 4.17 3.70 4.23
C LEU B 146 4.38 2.57 3.22
N PRO B 147 4.81 2.82 1.94
CA PRO B 147 5.15 1.70 1.03
C PRO B 147 6.21 0.72 1.55
N ALA B 148 7.27 1.22 2.19
CA ALA B 148 8.33 0.35 2.72
C ALA B 148 7.79 -0.53 3.84
N MET B 149 6.88 -0.01 4.68
CA MET B 149 6.26 -0.74 5.80
C MET B 149 5.26 -1.78 5.27
N VAL B 150 4.62 -1.49 4.12
CA VAL B 150 3.71 -2.37 3.40
C VAL B 150 4.51 -3.60 2.93
N LEU B 151 5.68 -3.38 2.27
CA LEU B 151 6.61 -4.40 1.80
C LEU B 151 7.07 -5.28 2.96
N VAL B 152 7.59 -4.66 4.01
CA VAL B 152 8.09 -5.35 5.23
C VAL B 152 7.00 -6.19 5.89
N ASP B 153 5.80 -5.64 6.07
CA ASP B 153 4.70 -6.41 6.67
C ASP B 153 4.29 -7.63 5.81
N ALA B 154 4.07 -7.45 4.49
CA ALA B 154 3.72 -8.54 3.57
C ALA B 154 4.80 -9.68 3.57
N VAL B 155 6.09 -9.31 3.49
CA VAL B 155 7.25 -10.22 3.47
C VAL B 155 7.39 -11.00 4.81
N THR B 156 7.27 -10.30 5.96
CA THR B 156 7.37 -10.87 7.32
C THR B 156 6.37 -12.02 7.57
N ARG B 157 5.13 -11.90 7.07
CA ARG B 157 4.07 -12.91 7.19
C ARG B 157 4.53 -14.27 6.63
N LEU B 158 5.44 -14.24 5.65
CA LEU B 158 5.97 -15.41 4.95
C LEU B 158 7.25 -15.99 5.56
N LEU B 159 7.70 -15.44 6.69
CA LEU B 159 8.89 -15.93 7.37
C LEU B 159 8.46 -17.08 8.26
N PRO B 160 9.19 -18.22 8.19
CA PRO B 160 8.82 -19.38 9.01
C PRO B 160 8.78 -19.13 10.51
N GLY B 161 7.58 -19.21 11.08
CA GLY B 161 7.33 -18.99 12.50
C GLY B 161 6.79 -17.63 12.87
N ALA B 162 6.62 -16.74 11.85
CA ALA B 162 6.12 -15.37 12.05
C ALA B 162 4.66 -15.35 12.46
N LEU B 163 3.83 -16.16 11.80
CA LEU B 163 2.40 -16.28 12.07
C LEU B 163 2.16 -17.26 13.22
N SER B 168 -2.81 -18.21 8.50
CA SER B 168 -2.20 -19.11 7.52
C SER B 168 -1.99 -18.40 6.18
N ALA B 169 -0.71 -18.36 5.71
CA ALA B 169 -0.27 -17.72 4.46
C ALA B 169 -0.46 -18.59 3.20
N GLU B 170 -0.90 -19.86 3.40
CA GLU B 170 -1.19 -20.86 2.36
C GLU B 170 -2.73 -21.09 2.27
N GLU B 171 -3.53 -20.09 2.74
CA GLU B 171 -5.00 -20.05 2.77
C GLU B 171 -5.41 -18.56 2.54
N ASP B 172 -4.74 -17.88 1.58
CA ASP B 172 -5.02 -16.46 1.40
C ASP B 172 -5.47 -16.07 0.01
N SER B 173 -5.84 -14.78 -0.13
CA SER B 173 -6.14 -14.14 -1.40
C SER B 173 -4.80 -14.02 -2.11
N PHE B 174 -4.82 -14.27 -3.42
CA PHE B 174 -3.75 -14.15 -4.41
C PHE B 174 -2.73 -15.28 -4.30
N THR B 175 -2.98 -16.31 -3.46
CA THR B 175 -2.06 -17.45 -3.33
C THR B 175 -2.21 -18.35 -4.56
N ASP B 176 -3.41 -18.89 -4.81
CA ASP B 176 -3.60 -19.68 -6.03
C ASP B 176 -4.34 -18.85 -7.09
N GLY B 177 -4.11 -17.55 -7.10
CA GLY B 177 -4.76 -16.63 -8.05
C GLY B 177 -6.21 -16.31 -7.72
N LEU B 178 -6.78 -16.96 -6.69
CA LEU B 178 -8.16 -16.76 -6.26
C LEU B 178 -8.23 -15.80 -5.08
N LEU B 179 -9.41 -15.18 -4.86
CA LEU B 179 -9.66 -14.34 -3.69
C LEU B 179 -10.12 -15.30 -2.60
N ASP B 180 -10.00 -14.91 -1.33
CA ASP B 180 -10.41 -15.79 -0.24
C ASP B 180 -11.96 -15.94 -0.17
N CYS B 181 -12.42 -16.93 0.60
CA CYS B 181 -13.83 -17.21 0.83
C CYS B 181 -14.29 -16.33 2.04
N PRO B 182 -15.59 -16.21 2.33
CA PRO B 182 -15.98 -15.40 3.49
C PRO B 182 -15.65 -16.16 4.77
N HIS B 183 -15.42 -15.42 5.85
CA HIS B 183 -15.10 -15.97 7.14
C HIS B 183 -16.24 -15.66 8.08
N TYR B 184 -16.55 -16.62 8.98
CA TYR B 184 -17.64 -16.49 9.93
C TYR B 184 -17.17 -16.92 11.32
N THR B 185 -17.71 -16.27 12.35
CA THR B 185 -17.43 -16.64 13.75
C THR B 185 -18.70 -16.46 14.59
N ARG B 186 -18.61 -16.77 15.90
CA ARG B 186 -19.71 -16.72 16.86
C ARG B 186 -20.33 -15.30 16.96
N PRO B 187 -21.68 -15.16 17.03
CA PRO B 187 -22.74 -16.20 17.14
C PRO B 187 -23.18 -16.87 15.85
N GLU B 188 -23.84 -18.04 15.94
CA GLU B 188 -24.43 -18.76 14.79
C GLU B 188 -25.42 -17.88 14.05
N VAL B 189 -26.15 -17.00 14.77
CA VAL B 189 -27.12 -16.04 14.21
C VAL B 189 -26.85 -14.66 14.78
N TYR B 190 -26.71 -13.66 13.93
CA TYR B 190 -26.47 -12.28 14.34
C TYR B 190 -27.32 -11.36 13.46
N ALA B 191 -28.12 -10.46 14.08
CA ALA B 191 -28.94 -9.47 13.35
C ALA B 191 -29.69 -10.08 12.14
N ASP B 192 -30.45 -11.19 12.40
CA ASP B 192 -31.24 -11.96 11.43
C ASP B 192 -30.38 -12.62 10.31
N LYS B 193 -29.07 -12.88 10.59
CA LYS B 193 -28.15 -13.46 9.62
C LYS B 193 -27.46 -14.65 10.25
N ARG B 194 -27.70 -15.83 9.70
CA ARG B 194 -27.14 -17.08 10.19
C ARG B 194 -25.92 -17.48 9.37
N VAL B 195 -24.96 -18.14 10.03
CA VAL B 195 -23.74 -18.68 9.42
C VAL B 195 -24.15 -19.80 8.44
N PRO B 196 -23.61 -19.87 7.19
CA PRO B 196 -23.98 -20.98 6.28
C PRO B 196 -23.96 -22.33 6.99
N GLU B 197 -25.02 -23.14 6.78
CA GLU B 197 -25.20 -24.43 7.43
C GLU B 197 -24.05 -25.40 7.18
N VAL B 198 -23.42 -25.38 5.98
CA VAL B 198 -22.29 -26.25 5.64
C VAL B 198 -21.13 -26.05 6.65
N LEU B 199 -20.89 -24.80 7.13
CA LEU B 199 -19.85 -24.51 8.12
C LEU B 199 -20.19 -25.05 9.52
N LEU B 200 -21.50 -25.08 9.86
CA LEU B 200 -22.04 -25.57 11.13
C LEU B 200 -22.22 -27.07 11.22
N SER B 201 -22.67 -27.72 10.13
CA SER B 201 -22.96 -29.17 10.16
C SER B 201 -22.38 -30.01 8.99
N GLY B 202 -21.69 -29.37 8.05
CA GLY B 202 -21.09 -30.06 6.92
C GLY B 202 -19.80 -30.76 7.27
N ASN B 203 -19.35 -31.70 6.41
CA ASN B 203 -18.12 -32.43 6.65
C ASN B 203 -16.96 -31.68 6.02
N HIS B 204 -15.73 -32.13 6.23
CA HIS B 204 -14.56 -31.41 5.74
C HIS B 204 -14.39 -31.41 4.19
N GLU B 205 -15.22 -32.18 3.44
CA GLU B 205 -15.20 -32.17 1.97
C GLU B 205 -16.25 -31.17 1.46
N HIS B 206 -17.42 -31.09 2.14
CA HIS B 206 -18.52 -30.16 1.84
C HIS B 206 -18.04 -28.71 2.05
N ILE B 207 -17.30 -28.48 3.16
CA ILE B 207 -16.69 -27.22 3.56
C ILE B 207 -15.59 -26.86 2.56
N ARG B 208 -14.68 -27.81 2.22
CA ARG B 208 -13.63 -27.60 1.22
C ARG B 208 -14.22 -27.18 -0.13
N ARG B 209 -15.30 -27.84 -0.55
CA ARG B 209 -15.96 -27.55 -1.84
C ARG B 209 -16.72 -26.22 -1.83
N TRP B 210 -17.50 -25.90 -0.73
CA TRP B 210 -18.24 -24.64 -0.58
C TRP B 210 -17.28 -23.47 -0.53
N ARG B 211 -16.17 -23.63 0.22
CA ARG B 211 -15.17 -22.60 0.35
C ARG B 211 -14.48 -22.31 -0.99
N LEU B 212 -14.21 -23.37 -1.82
CA LEU B 212 -13.59 -23.22 -3.15
C LEU B 212 -14.52 -22.51 -4.13
N GLN B 213 -15.83 -22.87 -4.12
CA GLN B 213 -16.88 -22.27 -4.94
C GLN B 213 -17.09 -20.78 -4.63
N GLN B 214 -17.12 -20.42 -3.33
CA GLN B 214 -17.26 -19.04 -2.85
C GLN B 214 -16.05 -18.20 -3.27
N ALA B 215 -14.83 -18.76 -3.14
CA ALA B 215 -13.60 -18.11 -3.59
C ALA B 215 -13.67 -17.88 -5.10
N LEU B 216 -14.06 -18.89 -5.88
CA LEU B 216 -14.21 -18.80 -7.35
C LEU B 216 -15.24 -17.75 -7.75
N GLY B 217 -16.39 -17.80 -7.08
CA GLY B 217 -17.49 -16.86 -7.28
C GLY B 217 -17.16 -15.43 -6.97
N ARG B 218 -16.52 -15.16 -5.79
CA ARG B 218 -16.05 -13.81 -5.39
C ARG B 218 -15.03 -13.27 -6.37
N THR B 219 -14.09 -14.12 -6.82
CA THR B 219 -13.06 -13.74 -7.82
C THR B 219 -13.73 -13.38 -9.15
N TRP B 220 -14.75 -14.12 -9.57
CA TRP B 220 -15.46 -13.88 -10.83
C TRP B 220 -16.22 -12.54 -10.80
N GLU B 221 -16.94 -12.27 -9.71
CA GLU B 221 -17.74 -11.04 -9.49
C GLU B 221 -16.91 -9.79 -9.44
N ARG B 222 -15.77 -9.81 -8.69
CA ARG B 222 -14.90 -8.68 -8.39
C ARG B 222 -13.62 -8.58 -9.19
N ARG B 223 -12.95 -9.72 -9.44
CA ARG B 223 -11.64 -9.73 -10.06
C ARG B 223 -11.54 -10.78 -11.20
N ALA B 224 -12.33 -10.56 -12.25
CA ALA B 224 -12.38 -11.43 -13.43
C ALA B 224 -11.00 -11.61 -14.07
N ASP B 225 -10.21 -10.54 -14.08
CA ASP B 225 -8.85 -10.57 -14.66
C ASP B 225 -8.01 -11.64 -13.97
N LEU B 226 -8.33 -11.96 -12.71
CA LEU B 226 -7.57 -12.98 -11.96
C LEU B 226 -7.80 -14.38 -12.54
N LEU B 227 -8.98 -14.61 -13.13
CA LEU B 227 -9.35 -15.93 -13.70
C LEU B 227 -8.73 -16.08 -15.10
N ASP B 228 -8.56 -14.97 -15.80
CA ASP B 228 -7.96 -14.97 -17.16
C ASP B 228 -6.52 -15.48 -17.08
N SER B 229 -5.81 -15.11 -16.02
CA SER B 229 -4.39 -15.54 -15.82
C SER B 229 -4.36 -16.86 -15.05
N ARG B 230 -5.54 -17.40 -14.72
CA ARG B 230 -5.65 -18.67 -13.96
C ARG B 230 -6.70 -19.57 -14.64
N SER B 231 -6.27 -20.42 -15.57
CA SER B 231 -7.19 -21.33 -16.31
C SER B 231 -7.92 -22.25 -15.32
N LEU B 232 -9.24 -22.15 -15.25
CA LEU B 232 -10.06 -22.98 -14.35
C LEU B 232 -10.09 -24.43 -14.85
N SER B 233 -10.31 -25.37 -13.93
CA SER B 233 -10.43 -26.81 -14.25
C SER B 233 -11.89 -27.15 -14.52
N GLY B 234 -12.19 -28.43 -14.70
CA GLY B 234 -13.55 -28.87 -14.99
C GLY B 234 -14.41 -28.84 -13.76
N GLU B 235 -13.82 -29.12 -12.57
CA GLU B 235 -14.49 -29.09 -11.26
C GLU B 235 -14.85 -27.63 -10.96
N GLU B 236 -13.83 -26.75 -11.07
CA GLU B 236 -13.95 -25.31 -10.85
C GLU B 236 -14.94 -24.65 -11.82
N GLN B 237 -14.94 -25.03 -13.09
CA GLN B 237 -15.88 -24.47 -14.07
C GLN B 237 -17.32 -24.81 -13.71
N LYS B 238 -17.55 -26.02 -13.18
CA LYS B 238 -18.82 -26.52 -12.71
C LYS B 238 -19.28 -25.84 -11.41
N LEU B 239 -18.36 -25.64 -10.44
CA LEU B 239 -18.63 -24.98 -9.15
C LEU B 239 -18.92 -23.50 -9.33
N LEU B 240 -18.18 -22.84 -10.25
CA LEU B 240 -18.36 -21.45 -10.61
C LEU B 240 -19.65 -21.26 -11.43
N ALA B 241 -19.96 -22.15 -12.39
CA ALA B 241 -21.22 -22.11 -13.17
C ALA B 241 -22.40 -22.19 -12.21
N GLU B 242 -22.32 -23.07 -11.19
CA GLU B 242 -23.32 -23.23 -10.14
C GLU B 242 -23.46 -21.94 -9.29
N TYR B 243 -22.35 -21.32 -8.89
CA TYR B 243 -22.32 -20.07 -8.12
C TYR B 243 -23.10 -19.00 -8.91
N ILE B 244 -22.79 -18.83 -10.20
CA ILE B 244 -23.40 -17.83 -11.10
C ILE B 244 -24.89 -17.99 -11.18
N ARG B 245 -25.38 -19.21 -11.44
CA ARG B 245 -26.81 -19.53 -11.55
C ARG B 245 -27.53 -19.49 -10.19
N GLN B 246 -26.77 -19.55 -9.08
CA GLN B 246 -27.35 -19.54 -7.73
C GLN B 246 -27.12 -18.31 -6.87
N ARG B 247 -26.22 -17.36 -7.28
CA ARG B 247 -25.86 -16.09 -6.62
C ARG B 247 -27.12 -15.32 -6.21
N ASP B 248 -28.27 -15.67 -6.85
CA ASP B 248 -29.64 -15.22 -6.62
C ASP B 248 -30.65 -16.20 -7.26
#